data_2P4U
#
_entry.id   2P4U
#
_cell.length_a   42.716
_cell.length_b   168.539
_cell.length_c   42.721
_cell.angle_alpha   90.000
_cell.angle_beta   90.960
_cell.angle_gamma   90.000
#
_symmetry.space_group_name_H-M   'P 1 21 1'
#
loop_
_entity.id
_entity.type
_entity.pdbx_description
1 polymer 'Acid phosphatase 1'
2 non-polymer 'PHOSPHATE ION'
3 water water
#
_entity_poly.entity_id   1
_entity_poly.type   'polypeptide(L)'
_entity_poly.pdbx_seq_one_letter_code
;MSLAEVGSKSVLFVCLGNICRSPIAEAVFRKLVTDEKVSDNWAIDSSAVSDWNVGRPPDPRAVSCLRNHGISTAHKARQI
TKEDFATFDYILCMDESNLRDLNRKSNQVKNCKAKIELLGSYDPQKQLIIEDPYYGNDSDFEVVYQQCLRCCKAFLEKTY
EGHHHHHH
;
_entity_poly.pdbx_strand_id   A,B,C,D
#
loop_
_chem_comp.id
_chem_comp.type
_chem_comp.name
_chem_comp.formula
PO4 non-polymer 'PHOSPHATE ION' 'O4 P -3'
#
# COMPACT_ATOMS: atom_id res chain seq x y z
N SER A 8 -28.80 15.77 3.69
CA SER A 8 -27.65 14.83 3.73
C SER A 8 -28.01 13.64 4.62
N LYS A 9 -27.12 12.64 4.63
CA LYS A 9 -27.35 11.42 5.38
C LYS A 9 -25.99 10.96 5.87
N SER A 10 -25.92 10.41 7.08
CA SER A 10 -24.64 9.97 7.60
C SER A 10 -24.66 8.52 8.07
N VAL A 11 -23.57 7.81 7.79
CA VAL A 11 -23.44 6.39 8.18
C VAL A 11 -22.07 6.14 8.78
N LEU A 12 -22.06 5.42 9.90
CA LEU A 12 -20.81 5.10 10.59
C LEU A 12 -20.73 3.57 10.66
N PHE A 13 -19.69 3.01 10.05
CA PHE A 13 -19.48 1.55 10.09
C PHE A 13 -18.63 1.18 11.28
N VAL A 14 -18.99 0.12 11.98
CA VAL A 14 -18.25 -0.14 13.25
C VAL A 14 -17.92 -1.61 13.34
N CYS A 15 -16.69 -1.94 13.74
CA CYS A 15 -16.36 -3.29 14.11
C CYS A 15 -15.50 -3.26 15.37
N LEU A 16 -14.95 -4.38 15.77
CA LEU A 16 -14.28 -4.41 17.08
C LEU A 16 -13.00 -3.58 17.05
N GLY A 17 -12.21 -3.75 15.99
CA GLY A 17 -10.84 -3.13 15.95
C GLY A 17 -10.67 -2.02 14.93
N ASN A 18 -11.63 -1.90 13.98
CA ASN A 18 -11.59 -0.87 12.90
C ASN A 18 -10.32 -0.97 12.07
N ILE A 19 -9.87 -2.21 11.81
CA ILE A 19 -8.75 -2.48 10.89
C ILE A 19 -9.04 -3.46 9.77
N CYS A 20 -10.11 -4.27 9.90
CA CYS A 20 -10.48 -5.17 8.81
C CYS A 20 -11.88 -4.86 8.29
N ARG A 21 -12.92 -5.20 9.05
CA ARG A 21 -14.26 -5.20 8.45
C ARG A 21 -14.83 -3.79 8.20
N SER A 22 -14.83 -2.94 9.21
CA SER A 22 -15.45 -1.61 8.99
C SER A 22 -14.68 -0.70 7.98
N PRO A 23 -13.32 -0.75 7.95
CA PRO A 23 -12.63 0.03 6.85
C PRO A 23 -13.03 -0.47 5.46
N ILE A 24 -13.25 -1.78 5.31
CA ILE A 24 -13.72 -2.30 4.03
C ILE A 24 -15.13 -1.81 3.71
N ALA A 25 -16.06 -1.98 4.66
CA ALA A 25 -17.42 -1.52 4.40
C ALA A 25 -17.45 -0.03 4.02
N GLU A 26 -16.68 0.76 4.76
CA GLU A 26 -16.62 2.21 4.53
C GLU A 26 -16.14 2.51 3.09
N ALA A 27 -15.00 1.90 2.70
CA ALA A 27 -14.38 2.13 1.36
C ALA A 27 -15.34 1.73 0.28
N VAL A 28 -16.05 0.61 0.51
CA VAL A 28 -16.98 0.10 -0.49
C VAL A 28 -18.18 1.06 -0.61
N PHE A 29 -18.74 1.44 0.54
CA PHE A 29 -19.90 2.37 0.54
C PHE A 29 -19.52 3.67 -0.17
N ARG A 30 -18.38 4.24 0.22
CA ARG A 30 -17.84 5.50 -0.41
C ARG A 30 -17.69 5.33 -1.92
N LYS A 31 -17.11 4.21 -2.36
CA LYS A 31 -17.01 3.90 -3.78
C LYS A 31 -18.40 3.89 -4.45
N LEU A 32 -19.38 3.25 -3.82
CA LEU A 32 -20.70 3.15 -4.39
C LEU A 32 -21.41 4.49 -4.56
N VAL A 33 -21.36 5.35 -3.55
CA VAL A 33 -22.03 6.64 -3.72
C VAL A 33 -21.28 7.62 -4.66
N THR A 34 -19.95 7.48 -4.72
CA THR A 34 -19.13 8.21 -5.69
C THR A 34 -19.45 7.83 -7.13
N ASP A 35 -19.57 6.53 -7.42
CA ASP A 35 -20.04 6.05 -8.74
C ASP A 35 -21.44 6.55 -9.12
N GLU A 36 -22.33 6.65 -8.14
CA GLU A 36 -23.68 7.17 -8.41
C GLU A 36 -23.76 8.69 -8.30
N LYS A 37 -22.63 9.33 -8.02
CA LYS A 37 -22.54 10.79 -8.04
C LYS A 37 -23.31 11.45 -6.90
N VAL A 38 -23.70 10.67 -5.89
CA VAL A 38 -24.42 11.23 -4.75
C VAL A 38 -23.55 11.41 -3.51
N SER A 39 -22.24 11.35 -3.68
CA SER A 39 -21.33 11.35 -2.54
C SER A 39 -21.42 12.60 -1.67
N ASP A 40 -21.77 13.72 -2.29
CA ASP A 40 -21.97 14.97 -1.55
C ASP A 40 -23.13 14.90 -0.58
N ASN A 41 -24.07 14.00 -0.82
CA ASN A 41 -25.21 13.91 0.07
C ASN A 41 -24.97 12.96 1.24
N TRP A 42 -23.72 12.49 1.43
CA TRP A 42 -23.40 11.49 2.47
C TRP A 42 -22.20 11.88 3.29
N ALA A 43 -22.27 11.67 4.59
CA ALA A 43 -21.07 11.71 5.42
C ALA A 43 -20.83 10.27 5.91
N ILE A 44 -19.63 9.77 5.66
CA ILE A 44 -19.32 8.34 5.79
C ILE A 44 -18.09 8.22 6.62
N ASP A 45 -18.09 7.32 7.60
CA ASP A 45 -16.91 7.11 8.40
C ASP A 45 -16.89 5.67 8.93
N SER A 46 -15.81 5.31 9.59
CA SER A 46 -15.80 4.05 10.33
C SER A 46 -15.10 4.23 11.65
N SER A 47 -15.40 3.38 12.65
CA SER A 47 -14.69 3.42 13.93
C SER A 47 -14.77 2.06 14.64
N ALA A 48 -14.13 1.98 15.79
CA ALA A 48 -14.00 0.74 16.52
C ALA A 48 -14.74 0.82 17.83
N VAL A 49 -15.20 -0.32 18.29
CA VAL A 49 -15.65 -0.45 19.66
C VAL A 49 -14.47 -0.28 20.63
N SER A 50 -13.35 -0.90 20.31
CA SER A 50 -12.17 -0.84 21.15
C SER A 50 -11.21 0.30 20.76
N ASP A 51 -10.29 0.60 21.65
CA ASP A 51 -9.27 1.57 21.31
C ASP A 51 -7.90 0.91 21.00
N TRP A 52 -7.86 -0.39 20.74
CA TRP A 52 -6.55 -1.07 20.65
C TRP A 52 -5.72 -0.63 19.46
N ASN A 53 -6.37 -0.30 18.35
CA ASN A 53 -5.66 -0.05 17.10
C ASN A 53 -5.67 1.40 16.68
N VAL A 54 -6.08 2.30 17.59
CA VAL A 54 -6.21 3.72 17.28
C VAL A 54 -4.94 4.26 16.58
N GLY A 55 -5.15 5.06 15.53
CA GLY A 55 -4.07 5.54 14.67
C GLY A 55 -3.52 4.60 13.60
N ARG A 56 -3.96 3.34 13.57
CA ARG A 56 -3.43 2.38 12.60
C ARG A 56 -4.23 2.40 11.30
N PRO A 57 -3.54 2.31 10.13
CA PRO A 57 -4.26 2.13 8.87
C PRO A 57 -4.78 0.69 8.86
N PRO A 58 -5.59 0.32 7.86
CA PRO A 58 -6.23 -1.01 7.94
C PRO A 58 -5.22 -2.15 7.76
N ASP A 59 -5.62 -3.36 8.14
CA ASP A 59 -4.79 -4.56 7.98
C ASP A 59 -4.30 -4.65 6.54
N PRO A 60 -3.02 -5.01 6.31
CA PRO A 60 -2.56 -5.18 4.91
C PRO A 60 -3.42 -6.13 4.04
N ARG A 61 -4.01 -7.17 4.66
CA ARG A 61 -4.88 -8.07 3.91
C ARG A 61 -6.14 -7.34 3.51
N ALA A 62 -6.64 -6.41 4.36
CA ALA A 62 -7.85 -5.64 3.99
C ALA A 62 -7.52 -4.67 2.83
N VAL A 63 -6.36 -4.01 2.94
CA VAL A 63 -5.88 -3.13 1.89
C VAL A 63 -5.70 -3.87 0.51
N SER A 64 -5.03 -5.01 0.54
CA SER A 64 -4.87 -5.85 -0.66
C SER A 64 -6.20 -6.35 -1.24
N CYS A 65 -7.12 -6.77 -0.36
CA CYS A 65 -8.47 -7.18 -0.75
C CYS A 65 -9.13 -6.05 -1.52
N LEU A 66 -9.14 -4.86 -0.90
CA LEU A 66 -9.71 -3.67 -1.56
C LEU A 66 -9.06 -3.40 -2.91
N ARG A 67 -7.74 -3.43 -2.90
CA ARG A 67 -6.93 -3.16 -4.12
C ARG A 67 -7.27 -4.15 -5.24
N ASN A 68 -7.50 -5.42 -4.90
CA ASN A 68 -8.05 -6.39 -5.87
C ASN A 68 -9.33 -5.97 -6.57
N HIS A 69 -10.12 -5.10 -5.92
CA HIS A 69 -11.37 -4.59 -6.52
C HIS A 69 -11.28 -3.12 -6.98
N GLY A 70 -10.06 -2.61 -7.04
CA GLY A 70 -9.83 -1.27 -7.57
C GLY A 70 -10.19 -0.19 -6.59
N ILE A 71 -10.16 -0.50 -5.30
CA ILE A 71 -10.61 0.40 -4.22
C ILE A 71 -9.50 0.63 -3.20
N SER A 72 -9.47 1.79 -2.55
CA SER A 72 -8.46 2.05 -1.54
C SER A 72 -9.05 2.99 -0.51
N THR A 73 -8.39 3.15 0.63
CA THR A 73 -8.88 4.04 1.68
C THR A 73 -7.71 4.76 2.40
N ALA A 74 -7.91 6.03 2.75
CA ALA A 74 -6.94 6.77 3.56
C ALA A 74 -7.26 6.69 5.07
N HIS A 75 -8.24 5.84 5.45
CA HIS A 75 -8.67 5.74 6.86
C HIS A 75 -7.57 5.34 7.83
N LYS A 76 -7.53 5.94 9.01
CA LYS A 76 -6.79 5.38 10.14
C LYS A 76 -7.74 5.13 11.31
N ALA A 77 -7.43 4.15 12.12
CA ALA A 77 -8.38 3.65 13.14
C ALA A 77 -8.72 4.66 14.25
N ARG A 78 -10.00 4.72 14.62
CA ARG A 78 -10.39 5.55 15.76
C ARG A 78 -11.46 4.82 16.55
N GLN A 79 -11.53 5.10 17.85
CA GLN A 79 -12.64 4.60 18.69
C GLN A 79 -13.89 5.42 18.55
N ILE A 80 -15.04 4.74 18.63
CA ILE A 80 -16.33 5.39 18.58
C ILE A 80 -16.41 6.26 19.85
N THR A 81 -17.09 7.39 19.75
CA THR A 81 -17.23 8.27 20.91
C THR A 81 -18.71 8.53 21.18
N LYS A 82 -19.01 9.11 22.34
CA LYS A 82 -20.35 9.60 22.64
C LYS A 82 -20.95 10.50 21.56
N GLU A 83 -20.15 11.40 21.03
CA GLU A 83 -20.66 12.31 19.99
C GLU A 83 -21.17 11.56 18.75
N ASP A 84 -20.54 10.42 18.43
CA ASP A 84 -20.93 9.63 17.25
C ASP A 84 -22.37 9.23 17.33
N PHE A 85 -22.80 8.81 18.52
CA PHE A 85 -24.21 8.46 18.74
C PHE A 85 -25.15 9.65 18.55
N ALA A 86 -24.63 10.86 18.75
CA ALA A 86 -25.44 12.08 18.68
C ALA A 86 -25.52 12.62 17.27
N THR A 87 -24.68 12.06 16.39
CA THR A 87 -24.30 12.66 15.11
C THR A 87 -24.76 11.86 13.89
N PHE A 88 -24.56 10.54 13.93
CA PHE A 88 -24.78 9.77 12.72
C PHE A 88 -26.21 9.33 12.70
N ASP A 89 -26.77 9.25 11.50
CA ASP A 89 -28.11 8.70 11.36
C ASP A 89 -28.13 7.19 11.52
N TYR A 90 -27.07 6.55 11.03
CA TYR A 90 -27.01 5.11 11.03
C TYR A 90 -25.67 4.64 11.59
N ILE A 91 -25.70 3.63 12.49
CA ILE A 91 -24.47 2.98 12.93
C ILE A 91 -24.67 1.53 12.54
N LEU A 92 -23.87 1.06 11.57
CA LEU A 92 -24.00 -0.29 11.03
C LEU A 92 -22.84 -1.17 11.47
N CYS A 93 -23.11 -2.22 12.26
CA CYS A 93 -22.01 -3.01 12.86
C CYS A 93 -21.95 -4.39 12.27
N MET A 94 -20.96 -5.19 12.69
CA MET A 94 -20.68 -6.40 11.94
C MET A 94 -21.24 -7.69 12.57
N ASP A 95 -21.13 -7.83 13.89
CA ASP A 95 -21.57 -9.07 14.58
C ASP A 95 -22.32 -8.83 15.86
N GLU A 96 -22.70 -9.92 16.52
CA GLU A 96 -23.54 -9.83 17.72
C GLU A 96 -22.84 -9.13 18.83
N SER A 97 -21.55 -9.39 19.00
CA SER A 97 -20.89 -8.75 20.14
C SER A 97 -20.73 -7.27 19.90
N ASN A 98 -20.53 -6.84 18.65
CA ASN A 98 -20.48 -5.40 18.37
C ASN A 98 -21.82 -4.80 18.73
N LEU A 99 -22.88 -5.47 18.32
CA LEU A 99 -24.22 -4.94 18.50
C LEU A 99 -24.52 -4.78 19.99
N ARG A 100 -24.19 -5.78 20.80
CA ARG A 100 -24.37 -5.64 22.26
C ARG A 100 -23.53 -4.51 22.89
N ASP A 101 -22.26 -4.42 22.50
CA ASP A 101 -21.38 -3.31 22.98
C ASP A 101 -21.98 -1.96 22.62
N LEU A 102 -22.41 -1.78 21.37
CA LEU A 102 -23.00 -0.50 20.96
C LEU A 102 -24.31 -0.19 21.65
N ASN A 103 -25.15 -1.20 21.83
CA ASN A 103 -26.38 -1.01 22.60
C ASN A 103 -26.09 -0.60 24.06
N ARG A 104 -25.08 -1.20 24.67
CA ARG A 104 -24.61 -0.77 26.01
C ARG A 104 -24.18 0.70 26.03
N LYS A 105 -23.30 1.09 25.10
CA LYS A 105 -22.76 2.43 25.08
C LYS A 105 -23.85 3.43 24.81
N SER A 106 -24.83 3.07 23.98
CA SER A 106 -25.92 3.99 23.64
C SER A 106 -26.81 4.36 24.84
N ASN A 107 -26.92 3.46 25.81
CA ASN A 107 -27.71 3.66 27.01
C ASN A 107 -27.02 4.70 27.92
N GLN A 108 -25.71 4.82 27.74
CA GLN A 108 -24.88 5.77 28.51
C GLN A 108 -24.80 7.20 27.94
N VAL A 109 -25.50 7.48 26.83
CA VAL A 109 -25.38 8.79 26.19
C VAL A 109 -26.71 9.53 26.21
N LYS A 110 -26.61 10.84 26.42
CA LYS A 110 -27.75 11.73 26.62
C LYS A 110 -28.66 11.70 25.41
N ASN A 111 -28.06 11.84 24.23
CA ASN A 111 -28.80 11.95 22.98
C ASN A 111 -28.36 10.89 21.95
N CYS A 112 -29.16 9.84 21.80
CA CYS A 112 -28.82 8.82 20.81
C CYS A 112 -29.70 8.98 19.59
N LYS A 113 -29.19 9.67 18.59
CA LYS A 113 -29.89 9.85 17.31
C LYS A 113 -29.73 8.59 16.43
N ALA A 114 -28.56 7.97 16.47
CA ALA A 114 -28.24 6.88 15.53
C ALA A 114 -29.16 5.68 15.64
N LYS A 115 -29.57 5.13 14.50
CA LYS A 115 -30.19 3.80 14.42
C LYS A 115 -29.02 2.78 14.38
N ILE A 116 -28.98 1.86 15.36
CA ILE A 116 -27.88 0.90 15.46
C ILE A 116 -28.38 -0.42 14.92
N GLU A 117 -27.70 -0.91 13.87
CA GLU A 117 -28.17 -2.08 13.13
C GLU A 117 -27.01 -2.96 12.68
N LEU A 118 -27.26 -4.25 12.48
CA LEU A 118 -26.28 -5.11 11.80
C LEU A 118 -26.27 -4.73 10.34
N LEU A 119 -25.09 -4.42 9.80
CA LEU A 119 -24.94 -4.29 8.35
C LEU A 119 -25.58 -5.49 7.62
N GLY A 120 -25.32 -6.70 8.12
CA GLY A 120 -25.89 -7.93 7.53
C GLY A 120 -27.42 -8.00 7.44
N SER A 121 -28.12 -7.18 8.21
CA SER A 121 -29.59 -7.21 8.17
C SER A 121 -30.07 -6.72 6.80
N TYR A 122 -29.21 -6.04 6.05
CA TYR A 122 -29.49 -5.63 4.67
C TYR A 122 -29.11 -6.62 3.60
N ASP A 123 -28.58 -7.78 3.99
CA ASP A 123 -28.10 -8.76 3.01
C ASP A 123 -29.30 -9.45 2.29
N PRO A 124 -29.39 -9.31 0.95
CA PRO A 124 -30.39 -10.07 0.18
C PRO A 124 -30.30 -11.56 0.45
N GLN A 125 -29.07 -12.07 0.63
CA GLN A 125 -28.85 -13.48 0.94
C GLN A 125 -29.06 -13.86 2.40
N LYS A 126 -29.35 -12.87 3.25
CA LYS A 126 -29.74 -13.13 4.65
C LYS A 126 -28.65 -13.71 5.51
N GLN A 127 -27.41 -13.39 5.21
CA GLN A 127 -26.31 -13.77 6.11
C GLN A 127 -26.14 -12.60 7.04
N LEU A 128 -26.64 -12.78 8.25
CA LEU A 128 -26.83 -11.69 9.14
C LEU A 128 -25.51 -11.16 9.71
N ILE A 129 -24.52 -12.04 9.79
CA ILE A 129 -23.29 -11.73 10.55
C ILE A 129 -22.06 -11.67 9.62
N ILE A 130 -21.24 -10.64 9.80
CA ILE A 130 -20.02 -10.50 8.99
C ILE A 130 -18.88 -10.77 10.02
N GLU A 131 -18.33 -11.96 9.95
CA GLU A 131 -17.38 -12.42 10.94
C GLU A 131 -15.97 -11.84 10.74
N ASP A 132 -15.23 -11.76 11.84
CA ASP A 132 -13.90 -11.17 11.88
C ASP A 132 -12.93 -12.05 11.07
N PRO A 133 -12.37 -11.52 9.96
CA PRO A 133 -11.48 -12.34 9.16
C PRO A 133 -10.02 -12.27 9.69
N TYR A 134 -9.78 -11.61 10.84
CA TYR A 134 -8.40 -11.26 11.25
C TYR A 134 -7.51 -12.50 11.41
N TYR A 135 -8.07 -13.57 11.99
CA TYR A 135 -7.33 -14.80 12.18
C TYR A 135 -7.40 -15.77 10.98
N GLY A 136 -7.86 -15.27 9.82
CA GLY A 136 -8.04 -16.09 8.61
C GLY A 136 -7.06 -15.79 7.49
N ASN A 137 -7.41 -16.11 6.26
CA ASN A 137 -6.51 -15.71 5.17
C ASN A 137 -7.17 -14.81 4.16
N ASP A 138 -6.56 -14.70 3.00
CA ASP A 138 -7.09 -13.82 1.98
C ASP A 138 -8.50 -14.22 1.54
N SER A 139 -8.83 -15.51 1.57
CA SER A 139 -10.21 -15.88 1.15
C SER A 139 -11.23 -15.34 2.11
N ASP A 140 -10.92 -15.36 3.40
CA ASP A 140 -11.81 -14.80 4.44
C ASP A 140 -12.04 -13.32 4.25
N PHE A 141 -11.00 -12.60 3.79
CA PHE A 141 -11.18 -11.20 3.48
C PHE A 141 -12.05 -11.05 2.26
N GLU A 142 -11.87 -11.89 1.26
CA GLU A 142 -12.77 -11.81 0.09
C GLU A 142 -14.23 -12.06 0.47
N VAL A 143 -14.48 -12.99 1.39
CA VAL A 143 -15.87 -13.30 1.79
C VAL A 143 -16.47 -12.05 2.42
N VAL A 144 -15.70 -11.38 3.26
CA VAL A 144 -16.16 -10.19 3.97
C VAL A 144 -16.44 -9.10 2.99
N TYR A 145 -15.56 -8.97 1.99
CA TYR A 145 -15.76 -7.96 0.98
C TYR A 145 -17.07 -8.13 0.24
N GLN A 146 -17.30 -9.35 -0.24
CA GLN A 146 -18.58 -9.68 -0.86
C GLN A 146 -19.78 -9.42 0.04
N GLN A 147 -19.68 -9.72 1.34
CA GLN A 147 -20.82 -9.42 2.20
C GLN A 147 -21.01 -7.90 2.29
N CYS A 148 -19.93 -7.18 2.58
CA CYS A 148 -19.99 -5.67 2.62
C CYS A 148 -20.60 -5.08 1.37
N LEU A 149 -20.10 -5.51 0.21
CA LEU A 149 -20.61 -4.98 -1.07
C LEU A 149 -22.12 -5.12 -1.22
N ARG A 150 -22.59 -6.35 -1.05
CA ARG A 150 -24.00 -6.61 -1.25
C ARG A 150 -24.92 -5.96 -0.22
N CYS A 151 -24.50 -5.93 1.05
CA CYS A 151 -25.19 -5.19 2.11
C CYS A 151 -25.26 -3.68 1.87
N CYS A 152 -24.12 -3.09 1.52
CA CYS A 152 -24.02 -1.66 1.17
C CYS A 152 -24.89 -1.30 -0.04
N LYS A 153 -24.88 -2.14 -1.09
CA LYS A 153 -25.80 -1.96 -2.23
C LYS A 153 -27.27 -1.96 -1.82
N ALA A 154 -27.66 -2.93 -1.01
CA ALA A 154 -29.05 -3.02 -0.54
C ALA A 154 -29.45 -1.91 0.39
N PHE A 155 -28.55 -1.49 1.28
CA PHE A 155 -28.74 -0.34 2.18
C PHE A 155 -28.98 0.95 1.35
N LEU A 156 -28.12 1.17 0.36
CA LEU A 156 -28.25 2.31 -0.57
C LEU A 156 -29.56 2.27 -1.37
N GLU A 157 -29.90 1.10 -1.91
CA GLU A 157 -31.11 0.91 -2.69
C GLU A 157 -32.41 0.93 -1.87
N LYS A 158 -32.33 0.54 -0.61
CA LYS A 158 -33.49 0.60 0.27
C LYS A 158 -33.83 2.05 0.56
N THR A 159 -32.82 2.87 0.83
CA THR A 159 -33.05 4.30 1.09
C THR A 159 -33.67 4.97 -0.14
N TYR A 160 -33.13 4.69 -1.33
CA TYR A 160 -33.67 5.19 -2.59
C TYR A 160 -34.69 4.20 -3.16
N SER B 8 1.49 -7.67 32.35
CA SER B 8 2.38 -6.48 32.49
C SER B 8 2.10 -5.48 31.38
N LYS B 9 2.21 -4.21 31.74
CA LYS B 9 1.78 -3.10 30.89
C LYS B 9 2.94 -2.12 30.90
N SER B 10 3.23 -1.46 29.76
CA SER B 10 4.37 -0.56 29.72
C SER B 10 4.02 0.81 29.11
N VAL B 11 4.49 1.87 29.75
CA VAL B 11 4.17 3.23 29.30
C VAL B 11 5.43 4.04 29.25
N LEU B 12 5.56 4.84 28.18
CA LEU B 12 6.68 5.70 28.00
C LEU B 12 6.15 7.13 27.85
N PHE B 13 6.51 7.98 28.79
CA PHE B 13 6.13 9.40 28.71
C PHE B 13 7.17 10.20 27.89
N VAL B 14 6.71 11.09 27.02
CA VAL B 14 7.71 11.75 26.13
C VAL B 14 7.44 13.23 26.01
N CYS B 15 8.47 14.07 26.09
CA CYS B 15 8.34 15.46 25.80
C CYS B 15 9.55 15.88 24.98
N LEU B 16 9.69 17.17 24.70
CA LEU B 16 10.76 17.57 23.77
C LEU B 16 12.13 17.33 24.38
N GLY B 17 12.28 17.66 25.66
CA GLY B 17 13.64 17.70 26.26
C GLY B 17 13.86 16.68 27.35
N ASN B 18 12.76 16.10 27.89
CA ASN B 18 12.80 15.09 28.97
C ASN B 18 13.48 15.63 30.25
N ILE B 19 13.25 16.91 30.54
CA ILE B 19 13.74 17.52 31.80
C ILE B 19 12.65 18.20 32.62
N CYS B 20 11.50 18.50 32.00
CA CYS B 20 10.42 19.10 32.75
C CYS B 20 9.17 18.20 32.72
N ARG B 21 8.44 18.15 31.60
CA ARG B 21 7.10 17.54 31.62
C ARG B 21 7.10 16.00 31.76
N SER B 22 7.82 15.29 30.88
CA SER B 22 7.76 13.81 30.95
C SER B 22 8.40 13.25 32.28
N PRO B 23 9.47 13.86 32.81
CA PRO B 23 9.93 13.31 34.14
C PRO B 23 8.90 13.49 35.24
N ILE B 24 8.13 14.58 35.19
CA ILE B 24 7.00 14.75 36.12
C ILE B 24 5.90 13.69 35.95
N ALA B 25 5.42 13.52 34.71
CA ALA B 25 4.37 12.56 34.45
C ALA B 25 4.83 11.17 34.89
N GLU B 26 6.09 10.85 34.62
CA GLU B 26 6.64 9.53 34.95
C GLU B 26 6.64 9.32 36.49
N ALA B 27 7.14 10.31 37.22
CA ALA B 27 7.25 10.20 38.70
C ALA B 27 5.87 10.11 39.29
N VAL B 28 4.92 10.89 38.74
CA VAL B 28 3.54 10.85 39.23
C VAL B 28 2.91 9.47 38.97
N PHE B 29 3.02 9.00 37.74
CA PHE B 29 2.44 7.70 37.39
C PHE B 29 3.06 6.60 38.29
N ARG B 30 4.39 6.58 38.41
CA ARG B 30 5.10 5.62 39.32
C ARG B 30 4.57 5.70 40.75
N LYS B 31 4.39 6.92 41.28
CA LYS B 31 3.83 7.10 42.61
C LYS B 31 2.42 6.48 42.68
N LEU B 32 1.60 6.73 41.66
CA LEU B 32 0.23 6.25 41.67
C LEU B 32 0.12 4.75 41.64
N VAL B 33 0.93 4.08 40.85
CA VAL B 33 0.83 2.61 40.83
C VAL B 33 1.52 1.96 42.07
N THR B 34 2.54 2.61 42.61
CA THR B 34 3.11 2.20 43.89
C THR B 34 2.09 2.27 45.05
N ASP B 35 1.35 3.39 45.15
CA ASP B 35 0.20 3.54 46.09
C ASP B 35 -0.85 2.43 45.96
N GLU B 36 -1.19 2.08 44.72
CA GLU B 36 -2.15 1.04 44.43
C GLU B 36 -1.55 -0.35 44.60
N LYS B 37 -0.24 -0.43 44.76
CA LYS B 37 0.46 -1.70 44.91
C LYS B 37 0.48 -2.54 43.60
N VAL B 38 0.27 -1.89 42.46
CA VAL B 38 0.33 -2.63 41.20
C VAL B 38 1.59 -2.34 40.42
N SER B 39 2.58 -1.74 41.08
CA SER B 39 3.76 -1.25 40.36
C SER B 39 4.50 -2.38 39.66
N ASP B 40 4.37 -3.60 40.19
CA ASP B 40 5.01 -4.77 39.59
C ASP B 40 4.39 -5.13 38.24
N ASN B 41 3.17 -4.68 38.00
CA ASN B 41 2.53 -4.98 36.74
C ASN B 41 2.86 -3.93 35.66
N TRP B 42 3.75 -2.99 35.98
CA TRP B 42 4.05 -1.85 35.10
C TRP B 42 5.51 -1.65 34.82
N ALA B 43 5.83 -1.39 33.56
CA ALA B 43 7.16 -0.89 33.20
C ALA B 43 6.96 0.55 32.74
N ILE B 44 7.66 1.48 33.39
CA ILE B 44 7.40 2.92 33.27
C ILE B 44 8.70 3.61 32.99
N ASP B 45 8.71 4.52 32.02
CA ASP B 45 9.91 5.27 31.73
C ASP B 45 9.52 6.62 31.10
N SER B 46 10.51 7.45 30.84
CA SER B 46 10.28 8.67 30.05
C SER B 46 11.47 8.92 29.16
N SER B 47 11.29 9.65 28.04
CA SER B 47 12.39 10.05 27.17
C SER B 47 12.01 11.29 26.37
N ALA B 48 12.96 11.76 25.57
CA ALA B 48 12.85 13.00 24.84
C ALA B 48 12.79 12.73 23.36
N VAL B 49 12.12 13.63 22.66
CA VAL B 49 12.20 13.68 21.20
C VAL B 49 13.64 14.08 20.80
N SER B 50 14.20 15.06 21.49
CA SER B 50 15.52 15.57 21.17
C SER B 50 16.60 14.87 21.99
N ASP B 51 17.84 15.09 21.58
CA ASP B 51 18.98 14.56 22.30
C ASP B 51 19.73 15.67 23.06
N TRP B 52 19.16 16.86 23.19
CA TRP B 52 19.92 17.97 23.75
C TRP B 52 20.35 17.74 25.21
N ASN B 53 19.47 17.17 26.02
CA ASN B 53 19.66 17.12 27.45
C ASN B 53 20.12 15.78 27.96
N VAL B 54 20.54 14.91 27.04
CA VAL B 54 20.83 13.53 27.36
C VAL B 54 21.82 13.46 28.54
N GLY B 55 21.54 12.59 29.50
CA GLY B 55 22.32 12.47 30.73
C GLY B 55 21.98 13.43 31.86
N ARG B 56 21.10 14.42 31.63
CA ARG B 56 20.79 15.42 32.66
C ARG B 56 19.63 14.97 33.58
N PRO B 57 19.70 15.28 34.90
CA PRO B 57 18.52 15.01 35.71
C PRO B 57 17.48 16.11 35.40
N PRO B 58 16.27 15.99 35.95
CA PRO B 58 15.22 16.97 35.57
C PRO B 58 15.52 18.41 36.03
N ASP B 59 14.86 19.38 35.41
CA ASP B 59 15.04 20.77 35.74
C ASP B 59 14.82 20.92 37.25
N PRO B 60 15.65 21.73 37.92
CA PRO B 60 15.45 21.94 39.39
C PRO B 60 14.05 22.41 39.82
N ARG B 61 13.39 23.18 38.94
CA ARG B 61 12.01 23.59 39.19
C ARG B 61 11.08 22.41 39.11
N ALA B 62 11.35 21.43 38.22
CA ALA B 62 10.54 20.19 38.17
C ALA B 62 10.74 19.35 39.44
N VAL B 63 12.00 19.22 39.83
CA VAL B 63 12.36 18.52 41.07
C VAL B 63 11.67 19.17 42.30
N SER B 64 11.78 20.50 42.43
CA SER B 64 11.11 21.24 43.54
C SER B 64 9.60 21.06 43.53
N CYS B 65 8.99 21.16 42.34
CA CYS B 65 7.54 20.94 42.16
C CYS B 65 7.14 19.55 42.68
N LEU B 66 7.87 18.52 42.25
CA LEU B 66 7.59 17.15 42.72
C LEU B 66 7.75 17.05 44.24
N ARG B 67 8.86 17.60 44.74
CA ARG B 67 9.16 17.65 46.20
C ARG B 67 8.00 18.26 47.00
N ASN B 68 7.44 19.36 46.49
CA ASN B 68 6.22 19.96 47.10
C ASN B 68 5.07 18.99 47.28
N HIS B 69 5.04 17.93 46.48
CA HIS B 69 3.98 16.93 46.55
C HIS B 69 4.48 15.59 47.13
N GLY B 70 5.67 15.63 47.71
CA GLY B 70 6.24 14.48 48.39
C GLY B 70 6.72 13.42 47.44
N ILE B 71 7.12 13.81 46.23
CA ILE B 71 7.50 12.88 45.15
C ILE B 71 8.90 13.20 44.68
N SER B 72 9.63 12.20 44.20
CA SER B 72 10.97 12.44 43.69
C SER B 72 11.31 11.44 42.59
N THR B 73 12.37 11.68 41.85
CA THR B 73 12.72 10.78 40.76
C THR B 73 14.23 10.67 40.59
N ALA B 74 14.71 9.48 40.24
CA ALA B 74 16.14 9.25 39.97
C ALA B 74 16.45 9.32 38.47
N HIS B 75 15.48 9.76 37.65
CA HIS B 75 15.63 9.77 36.19
C HIS B 75 16.72 10.70 35.66
N LYS B 76 17.45 10.25 34.65
CA LYS B 76 18.29 11.14 33.88
C LYS B 76 17.79 11.08 32.42
N ALA B 77 17.93 12.17 31.70
CA ALA B 77 17.34 12.31 30.36
C ALA B 77 17.91 11.33 29.29
N ARG B 78 17.05 10.79 28.45
CA ARG B 78 17.53 10.00 27.33
C ARG B 78 16.62 10.27 26.13
N GLN B 79 17.17 10.15 24.94
CA GLN B 79 16.36 10.21 23.71
C GLN B 79 15.62 8.91 23.41
N ILE B 80 14.40 9.02 22.89
CA ILE B 80 13.60 7.91 22.44
C ILE B 80 14.41 7.22 21.32
N THR B 81 14.30 5.90 21.26
CA THR B 81 15.01 5.12 20.23
C THR B 81 13.98 4.38 19.37
N LYS B 82 14.39 3.83 18.21
CA LYS B 82 13.51 2.90 17.46
C LYS B 82 13.00 1.72 18.30
N GLU B 83 13.81 1.20 19.20
CA GLU B 83 13.34 0.07 20.02
C GLU B 83 12.19 0.41 20.98
N ASP B 84 12.14 1.66 21.47
CA ASP B 84 11.01 2.10 22.32
C ASP B 84 9.69 1.88 21.64
N PHE B 85 9.64 2.17 20.34
CA PHE B 85 8.40 1.94 19.56
C PHE B 85 8.03 0.46 19.45
N ALA B 86 9.03 -0.41 19.52
CA ALA B 86 8.86 -1.87 19.45
C ALA B 86 8.46 -2.48 20.75
N THR B 87 8.68 -1.72 21.85
CA THR B 87 8.71 -2.22 23.21
C THR B 87 7.50 -1.78 24.05
N PHE B 88 7.18 -0.49 24.01
CA PHE B 88 6.18 0.02 24.91
C PHE B 88 4.80 -0.16 24.35
N ASP B 89 3.85 -0.44 25.22
CA ASP B 89 2.45 -0.47 24.81
C ASP B 89 1.88 0.92 24.53
N TYR B 90 2.30 1.87 25.35
CA TYR B 90 1.79 3.22 25.19
C TYR B 90 2.91 4.23 25.18
N ILE B 91 2.82 5.22 24.27
CA ILE B 91 3.72 6.33 24.26
C ILE B 91 2.82 7.55 24.43
N LEU B 92 2.92 8.21 25.59
CA LEU B 92 2.06 9.34 25.93
C LEU B 92 2.85 10.66 25.87
N CYS B 93 2.48 11.56 24.95
CA CYS B 93 3.26 12.80 24.79
C CYS B 93 2.52 14.06 25.21
N MET B 94 3.20 15.20 25.15
CA MET B 94 2.65 16.35 25.80
C MET B 94 1.89 17.34 24.91
N ASP B 95 2.45 17.64 23.75
CA ASP B 95 1.85 18.66 22.83
C ASP B 95 1.84 18.22 21.38
N GLU B 96 1.31 19.09 20.53
CA GLU B 96 1.10 18.74 19.13
C GLU B 96 2.40 18.51 18.44
N SER B 97 3.43 19.28 18.77
CA SER B 97 4.71 19.10 18.06
C SER B 97 5.36 17.80 18.43
N ASN B 98 5.22 17.39 19.69
CA ASN B 98 5.69 16.08 20.11
C ASN B 98 4.97 14.99 19.32
N LEU B 99 3.67 15.12 19.20
CA LEU B 99 2.83 14.11 18.54
C LEU B 99 3.24 13.96 17.07
N ARG B 100 3.40 15.09 16.40
CA ARG B 100 3.86 15.01 15.00
C ARG B 100 5.27 14.42 14.86
N ASP B 101 6.19 14.84 15.72
CA ASP B 101 7.57 14.23 15.74
C ASP B 101 7.51 12.72 15.92
N LEU B 102 6.74 12.26 16.88
CA LEU B 102 6.63 10.81 17.14
C LEU B 102 5.95 10.04 16.01
N ASN B 103 4.90 10.62 15.44
CA ASN B 103 4.26 10.02 14.28
C ASN B 103 5.25 9.87 13.12
N ARG B 104 6.08 10.89 12.91
CA ARG B 104 7.12 10.79 11.89
C ARG B 104 8.12 9.66 12.17
N LYS B 105 8.63 9.60 13.41
CA LYS B 105 9.63 8.60 13.78
C LYS B 105 9.05 7.20 13.68
N SER B 106 7.77 7.05 14.00
CA SER B 106 7.15 5.72 13.98
C SER B 106 6.96 5.15 12.55
N ASN B 107 6.89 6.03 11.55
CA ASN B 107 6.76 5.65 10.14
C ASN B 107 8.06 5.03 9.64
N GLN B 108 9.15 5.35 10.33
CA GLN B 108 10.51 4.91 9.98
C GLN B 108 10.92 3.60 10.66
N VAL B 109 10.11 3.09 11.58
CA VAL B 109 10.45 1.86 12.30
C VAL B 109 9.58 0.73 11.77
N LYS B 110 10.17 -0.45 11.66
CA LYS B 110 9.49 -1.61 11.09
C LYS B 110 8.32 -1.99 11.99
N ASN B 111 8.64 -2.20 13.26
CA ASN B 111 7.68 -2.71 14.23
C ASN B 111 7.26 -1.62 15.20
N CYS B 112 6.12 -1.01 14.94
CA CYS B 112 5.57 -0.07 15.90
C CYS B 112 4.40 -0.71 16.64
N LYS B 113 4.68 -1.25 17.82
CA LYS B 113 3.65 -1.79 18.70
C LYS B 113 2.93 -0.65 19.44
N ALA B 114 3.68 0.40 19.75
CA ALA B 114 3.17 1.45 20.66
C ALA B 114 2.00 2.20 20.11
N LYS B 115 0.99 2.42 20.96
CA LYS B 115 -0.08 3.36 20.69
C LYS B 115 0.45 4.76 21.10
N ILE B 116 0.47 5.71 20.16
CA ILE B 116 0.98 7.07 20.44
C ILE B 116 -0.20 8.01 20.67
N GLU B 117 -0.27 8.60 21.87
CA GLU B 117 -1.39 9.48 22.22
C GLU B 117 -0.91 10.70 23.00
N LEU B 118 -1.70 11.78 22.97
CA LEU B 118 -1.51 12.89 23.92
C LEU B 118 -1.92 12.43 25.29
N LEU B 119 -1.03 12.58 26.29
CA LEU B 119 -1.41 12.38 27.67
C LEU B 119 -2.71 13.16 27.99
N GLY B 120 -2.75 14.41 27.54
CA GLY B 120 -3.97 15.23 27.74
C GLY B 120 -5.30 14.64 27.22
N SER B 121 -5.25 13.67 26.31
CA SER B 121 -6.51 13.11 25.77
C SER B 121 -7.26 12.38 26.88
N TYR B 122 -6.57 12.04 27.97
CA TYR B 122 -7.16 11.39 29.15
C TYR B 122 -7.68 12.38 30.22
N ASP B 123 -7.51 13.67 30.00
CA ASP B 123 -7.88 14.69 30.98
C ASP B 123 -9.43 14.76 31.13
N PRO B 124 -9.96 14.45 32.34
CA PRO B 124 -11.39 14.66 32.60
C PRO B 124 -11.82 16.07 32.25
N GLN B 125 -10.97 17.05 32.50
CA GLN B 125 -11.23 18.47 32.19
C GLN B 125 -11.03 18.85 30.72
N LYS B 126 -10.55 17.91 29.92
CA LYS B 126 -10.39 18.09 28.46
C LYS B 126 -9.41 19.19 28.06
N GLN B 127 -8.37 19.39 28.84
CA GLN B 127 -7.28 20.24 28.36
C GLN B 127 -6.30 19.32 27.65
N LEU B 128 -6.33 19.41 26.34
CA LEU B 128 -5.68 18.42 25.52
C LEU B 128 -4.15 18.48 25.57
N ILE B 129 -3.64 19.69 25.81
CA ILE B 129 -2.20 20.00 25.63
C ILE B 129 -1.54 20.32 26.98
N ILE B 130 -0.38 19.73 27.22
CA ILE B 130 0.40 20.05 28.44
C ILE B 130 1.61 20.88 27.93
N GLU B 131 1.53 22.18 28.09
CA GLU B 131 2.54 23.07 27.50
C GLU B 131 3.86 23.10 28.27
N ASP B 132 4.94 23.43 27.57
CA ASP B 132 6.30 23.42 28.11
C ASP B 132 6.44 24.55 29.14
N PRO B 133 6.67 24.20 30.43
CA PRO B 133 6.75 25.26 31.43
C PRO B 133 8.19 25.81 31.54
N TYR B 134 9.11 25.36 30.67
CA TYR B 134 10.56 25.67 30.83
C TYR B 134 10.84 27.19 30.90
N TYR B 135 10.13 27.99 30.11
CA TYR B 135 10.31 29.45 30.12
C TYR B 135 9.41 30.18 31.11
N GLY B 136 8.73 29.42 31.99
CA GLY B 136 7.81 30.00 32.98
C GLY B 136 8.38 30.01 34.39
N ASN B 137 7.53 30.05 35.40
CA ASN B 137 8.05 30.01 36.75
C ASN B 137 7.44 28.85 37.51
N ASP B 138 7.53 28.89 38.84
CA ASP B 138 7.07 27.81 39.66
C ASP B 138 5.59 27.49 39.43
N SER B 139 4.78 28.52 39.19
CA SER B 139 3.34 28.32 38.99
CA SER B 139 3.35 28.26 39.02
C SER B 139 3.05 27.47 37.75
N ASP B 140 3.80 27.70 36.67
CA ASP B 140 3.62 26.93 35.44
C ASP B 140 3.96 25.46 35.64
N PHE B 141 4.96 25.21 36.49
CA PHE B 141 5.26 23.83 36.82
C PHE B 141 4.12 23.22 37.63
N GLU B 142 3.53 24.00 38.54
CA GLU B 142 2.37 23.48 39.29
C GLU B 142 1.20 23.14 38.38
N VAL B 143 0.96 23.96 37.35
CA VAL B 143 -0.14 23.69 36.42
C VAL B 143 0.13 22.35 35.72
N VAL B 144 1.37 22.16 35.27
CA VAL B 144 1.78 20.94 34.57
C VAL B 144 1.61 19.73 35.46
N TYR B 145 2.01 19.88 36.71
CA TYR B 145 1.88 18.80 37.67
C TYR B 145 0.42 18.36 37.83
N GLN B 146 -0.48 19.32 38.04
CA GLN B 146 -1.90 19.04 38.13
C GLN B 146 -2.46 18.40 36.86
N GLN B 147 -1.99 18.81 35.68
CA GLN B 147 -2.45 18.18 34.44
C GLN B 147 -1.97 16.72 34.41
N CYS B 148 -0.67 16.53 34.63
CA CYS B 148 -0.12 15.13 34.68
C CYS B 148 -0.85 14.22 35.66
N LEU B 149 -1.08 14.72 36.87
CA LEU B 149 -1.74 13.91 37.92
C LEU B 149 -3.11 13.44 37.48
N ARG B 150 -3.94 14.40 37.05
CA ARG B 150 -5.30 14.02 36.66
C ARG B 150 -5.37 13.13 35.42
N CYS B 151 -4.53 13.41 34.40
CA CYS B 151 -4.43 12.52 33.23
C CYS B 151 -3.93 11.10 33.56
N CYS B 152 -2.89 11.02 34.38
CA CYS B 152 -2.35 9.70 34.86
C CYS B 152 -3.37 8.89 35.68
N LYS B 153 -4.09 9.56 36.59
CA LYS B 153 -5.20 8.91 37.28
C LYS B 153 -6.27 8.41 36.28
N ALA B 154 -6.69 9.25 35.34
CA ALA B 154 -7.69 8.80 34.37
C ALA B 154 -7.24 7.69 33.42
N PHE B 155 -5.97 7.73 32.99
CA PHE B 155 -5.35 6.67 32.21
C PHE B 155 -5.36 5.35 33.00
N LEU B 156 -4.98 5.43 34.28
CA LEU B 156 -4.96 4.25 35.15
C LEU B 156 -6.38 3.73 35.45
N GLU B 157 -7.34 4.60 35.74
CA GLU B 157 -8.73 4.18 35.94
C GLU B 157 -9.34 3.61 34.66
N LYS B 158 -9.15 4.28 33.52
CA LYS B 158 -9.62 3.77 32.22
C LYS B 158 -9.16 2.34 31.96
N THR B 159 -7.88 2.05 32.20
CA THR B 159 -7.37 0.69 32.05
C THR B 159 -8.11 -0.28 33.01
N TYR B 160 -8.15 0.04 34.30
CA TYR B 160 -8.84 -0.80 35.29
C TYR B 160 -10.34 -0.51 35.32
N SER C 8 -14.46 12.33 -24.47
CA SER C 8 -13.53 11.92 -23.37
C SER C 8 -12.03 12.19 -23.63
N LYS C 9 -11.25 12.29 -22.55
CA LYS C 9 -9.80 12.49 -22.66
C LYS C 9 -9.08 11.48 -21.76
N SER C 10 -7.85 11.12 -22.12
CA SER C 10 -7.12 10.13 -21.35
C SER C 10 -5.68 10.54 -21.08
N VAL C 11 -5.22 10.24 -19.88
CA VAL C 11 -3.90 10.66 -19.41
C VAL C 11 -3.18 9.52 -18.74
N LEU C 12 -1.94 9.29 -19.16
CA LEU C 12 -1.09 8.34 -18.51
C LEU C 12 0.12 9.09 -17.86
N PHE C 13 0.33 8.85 -16.56
CA PHE C 13 1.45 9.46 -15.84
C PHE C 13 2.59 8.48 -15.77
N VAL C 14 3.81 8.91 -16.11
CA VAL C 14 4.96 7.99 -16.19
C VAL C 14 6.17 8.45 -15.37
N CYS C 15 6.80 7.53 -14.63
CA CYS C 15 8.07 7.76 -13.97
C CYS C 15 8.95 6.52 -14.20
N LEU C 16 10.13 6.47 -13.58
CA LEU C 16 11.07 5.39 -13.85
C LEU C 16 10.50 4.05 -13.34
N GLY C 17 10.14 3.99 -12.05
CA GLY C 17 9.69 2.71 -11.50
C GLY C 17 8.21 2.57 -11.19
N ASN C 18 7.45 3.67 -11.29
CA ASN C 18 6.01 3.69 -11.03
C ASN C 18 5.64 3.25 -9.62
N ILE C 19 6.49 3.56 -8.65
CA ILE C 19 6.14 3.34 -7.25
C ILE C 19 6.13 4.62 -6.39
N CYS C 20 6.75 5.71 -6.84
CA CYS C 20 6.74 6.96 -6.04
C CYS C 20 6.01 8.12 -6.78
N ARG C 21 6.64 8.69 -7.81
CA ARG C 21 6.07 9.86 -8.43
C ARG C 21 4.80 9.65 -9.19
N SER C 22 4.78 8.72 -10.17
CA SER C 22 3.62 8.69 -11.01
C SER C 22 2.38 8.17 -10.30
N PRO C 23 2.52 7.25 -9.32
CA PRO C 23 1.29 6.89 -8.56
C PRO C 23 0.72 8.07 -7.77
N ILE C 24 1.58 8.98 -7.31
CA ILE C 24 1.10 10.23 -6.66
C ILE C 24 0.35 11.16 -7.61
N ALA C 25 0.94 11.44 -8.78
CA ALA C 25 0.32 12.30 -9.80
C ALA C 25 -1.03 11.73 -10.16
N GLU C 26 -1.06 10.42 -10.38
CA GLU C 26 -2.30 9.75 -10.79
C GLU C 26 -3.39 9.92 -9.73
N ALA C 27 -3.04 9.70 -8.47
CA ALA C 27 -4.06 9.74 -7.39
C ALA C 27 -4.55 11.19 -7.23
N VAL C 28 -3.62 12.15 -7.27
CA VAL C 28 -3.99 13.60 -7.20
C VAL C 28 -4.92 14.00 -8.34
N PHE C 29 -4.58 13.59 -9.57
CA PHE C 29 -5.39 13.99 -10.73
C PHE C 29 -6.79 13.32 -10.61
N ARG C 30 -6.83 12.05 -10.22
CA ARG C 30 -8.10 11.33 -10.00
C ARG C 30 -8.98 12.04 -8.97
N LYS C 31 -8.37 12.49 -7.86
CA LYS C 31 -9.07 13.26 -6.80
C LYS C 31 -9.66 14.57 -7.36
N LEU C 32 -8.84 15.32 -8.09
CA LEU C 32 -9.30 16.56 -8.75
C LEU C 32 -10.51 16.34 -9.66
N VAL C 33 -10.42 15.41 -10.60
CA VAL C 33 -11.56 15.18 -11.51
C VAL C 33 -12.81 14.66 -10.75
N THR C 34 -12.62 13.82 -9.74
CA THR C 34 -13.76 13.38 -8.91
C THR C 34 -14.39 14.50 -8.11
N ASP C 35 -13.57 15.34 -7.47
CA ASP C 35 -14.05 16.56 -6.83
C ASP C 35 -14.90 17.47 -7.75
N GLU C 36 -14.47 17.61 -9.00
CA GLU C 36 -15.23 18.41 -9.96
C GLU C 36 -16.29 17.63 -10.76
N LYS C 37 -16.47 16.35 -10.41
CA LYS C 37 -17.51 15.48 -10.99
C LYS C 37 -17.42 15.19 -12.50
N VAL C 38 -16.21 15.19 -13.02
CA VAL C 38 -16.01 15.01 -14.44
C VAL C 38 -15.18 13.78 -14.72
N SER C 39 -15.12 12.87 -13.75
CA SER C 39 -14.30 11.67 -13.89
C SER C 39 -14.81 10.62 -14.91
N ASP C 40 -16.10 10.68 -15.25
CA ASP C 40 -16.64 9.85 -16.35
C ASP C 40 -16.07 10.26 -17.71
N ASN C 41 -15.56 11.47 -17.79
CA ASN C 41 -14.98 11.98 -19.01
C ASN C 41 -13.47 11.73 -19.13
N TRP C 42 -12.89 11.05 -18.14
CA TRP C 42 -11.43 10.89 -18.06
C TRP C 42 -11.06 9.44 -17.89
N ALA C 43 -10.08 8.97 -18.65
CA ALA C 43 -9.49 7.71 -18.33
C ALA C 43 -8.08 8.00 -17.82
N ILE C 44 -7.79 7.54 -16.60
CA ILE C 44 -6.54 7.87 -15.88
C ILE C 44 -5.75 6.61 -15.49
N ASP C 45 -4.45 6.64 -15.72
CA ASP C 45 -3.60 5.52 -15.35
C ASP C 45 -2.20 6.02 -15.07
N SER C 46 -1.37 5.14 -14.52
CA SER C 46 0.07 5.41 -14.46
C SER C 46 0.87 4.15 -14.82
N SER C 47 2.13 4.32 -15.21
CA SER C 47 2.97 3.17 -15.53
C SER C 47 4.44 3.54 -15.42
N ALA C 48 5.31 2.56 -15.65
CA ALA C 48 6.76 2.66 -15.47
C ALA C 48 7.49 2.53 -16.78
N VAL C 49 8.61 3.23 -16.89
CA VAL C 49 9.53 3.05 -18.00
C VAL C 49 10.15 1.65 -17.83
N SER C 50 10.62 1.34 -16.63
CA SER C 50 11.27 0.05 -16.34
C SER C 50 10.27 -1.03 -15.94
N ASP C 51 10.69 -2.30 -16.01
CA ASP C 51 9.84 -3.40 -15.54
C ASP C 51 10.19 -3.85 -14.10
N TRP C 52 11.03 -3.09 -13.40
CA TRP C 52 11.61 -3.54 -12.13
C TRP C 52 10.59 -3.81 -11.00
N ASN C 53 9.53 -3.02 -10.93
CA ASN C 53 8.62 -3.07 -9.78
C ASN C 53 7.24 -3.60 -10.14
N VAL C 54 7.13 -4.28 -11.28
CA VAL C 54 5.84 -4.72 -11.77
C VAL C 54 5.08 -5.47 -10.67
N GLY C 55 3.82 -5.11 -10.52
CA GLY C 55 2.95 -5.72 -9.54
C GLY C 55 2.98 -5.12 -8.14
N ARG C 56 3.92 -4.21 -7.88
CA ARG C 56 4.04 -3.65 -6.54
C ARG C 56 3.05 -2.49 -6.33
N PRO C 57 2.48 -2.36 -5.11
CA PRO C 57 1.85 -1.10 -4.74
C PRO C 57 2.92 0.02 -4.55
N PRO C 58 2.48 1.28 -4.41
CA PRO C 58 3.43 2.38 -4.20
C PRO C 58 4.29 2.23 -2.99
N ASP C 59 5.44 2.87 -3.04
CA ASP C 59 6.29 2.98 -1.87
C ASP C 59 5.46 3.43 -0.66
N PRO C 60 5.68 2.82 0.51
CA PRO C 60 4.91 3.20 1.69
C PRO C 60 5.01 4.68 2.05
N ARG C 61 6.13 5.33 1.73
CA ARG C 61 6.22 6.78 1.94
C ARG C 61 5.29 7.54 1.00
N ALA C 62 5.09 7.04 -0.24
CA ALA C 62 4.12 7.63 -1.13
C ALA C 62 2.69 7.41 -0.60
N VAL C 63 2.37 6.19 -0.13
CA VAL C 63 1.07 5.93 0.49
C VAL C 63 0.81 6.85 1.68
N SER C 64 1.78 7.00 2.54
CA SER C 64 1.66 7.87 3.71
C SER C 64 1.48 9.35 3.33
N CYS C 65 2.26 9.79 2.33
CA CYS C 65 2.14 11.14 1.85
C CYS C 65 0.71 11.40 1.37
N LEU C 66 0.18 10.52 0.51
CA LEU C 66 -1.18 10.69 0.05
C LEU C 66 -2.16 10.68 1.22
N ARG C 67 -1.92 9.78 2.16
CA ARG C 67 -2.87 9.61 3.29
C ARG C 67 -2.92 10.92 4.12
N ASN C 68 -1.79 11.61 4.23
CA ASN C 68 -1.74 12.94 4.90
C ASN C 68 -2.72 13.94 4.29
N HIS C 69 -3.06 13.74 3.02
CA HIS C 69 -3.92 14.66 2.29
C HIS C 69 -5.29 14.05 2.06
N GLY C 70 -5.58 12.97 2.78
CA GLY C 70 -6.91 12.27 2.72
C GLY C 70 -7.16 11.50 1.45
N ILE C 71 -6.07 11.11 0.77
CA ILE C 71 -6.12 10.50 -0.60
C ILE C 71 -5.45 9.11 -0.55
N SER C 72 -5.87 8.23 -1.46
CA SER C 72 -5.32 6.89 -1.54
C SER C 72 -5.41 6.37 -2.98
N THR C 73 -4.66 5.31 -3.24
CA THR C 73 -4.70 4.65 -4.54
C THR C 73 -4.68 3.13 -4.46
N ALA C 74 -5.37 2.54 -5.42
CA ALA C 74 -5.40 1.10 -5.63
C ALA C 74 -4.39 0.67 -6.69
N HIS C 75 -3.59 1.61 -7.20
CA HIS C 75 -2.65 1.26 -8.25
C HIS C 75 -1.65 0.13 -7.89
N LYS C 76 -1.35 -0.74 -8.87
CA LYS C 76 -0.17 -1.61 -8.81
C LYS C 76 0.72 -1.30 -10.04
N ALA C 77 2.04 -1.27 -9.82
CA ALA C 77 2.98 -0.85 -10.85
C ALA C 77 2.87 -1.73 -12.09
N ARG C 78 2.84 -1.09 -13.25
CA ARG C 78 2.91 -1.80 -14.52
C ARG C 78 3.90 -1.09 -15.44
N GLN C 79 4.43 -1.81 -16.43
CA GLN C 79 5.31 -1.17 -17.40
C GLN C 79 4.48 -0.64 -18.54
N ILE C 80 4.94 0.45 -19.14
CA ILE C 80 4.26 1.06 -20.27
C ILE C 80 4.42 0.14 -21.50
N THR C 81 3.43 0.12 -22.39
CA THR C 81 3.43 -0.78 -23.56
C THR C 81 3.30 0.05 -24.84
N LYS C 82 3.51 -0.58 -26.00
CA LYS C 82 3.34 0.09 -27.29
C LYS C 82 1.92 0.59 -27.45
N GLU C 83 0.99 -0.24 -26.97
CA GLU C 83 -0.44 0.06 -26.93
C GLU C 83 -0.76 1.37 -26.18
N ASP C 84 0.01 1.68 -25.14
CA ASP C 84 -0.22 2.91 -24.37
C ASP C 84 -0.07 4.12 -25.26
N PHE C 85 0.90 4.04 -26.18
CA PHE C 85 1.23 5.14 -27.08
C PHE C 85 0.14 5.35 -28.11
N ALA C 86 -0.60 4.28 -28.42
CA ALA C 86 -1.75 4.37 -29.35
C ALA C 86 -3.04 4.84 -28.66
N THR C 87 -3.21 4.41 -27.41
CA THR C 87 -4.40 4.65 -26.59
C THR C 87 -4.52 6.05 -25.96
N PHE C 88 -3.54 6.44 -25.14
CA PHE C 88 -3.66 7.68 -24.33
C PHE C 88 -3.46 8.97 -25.09
N ASP C 89 -4.30 9.97 -24.83
CA ASP C 89 -4.13 11.25 -25.48
C ASP C 89 -2.85 11.94 -24.99
N TYR C 90 -2.60 11.84 -23.68
CA TYR C 90 -1.43 12.48 -23.04
C TYR C 90 -0.64 11.46 -22.23
N ILE C 91 0.67 11.58 -22.31
CA ILE C 91 1.60 10.78 -21.55
C ILE C 91 2.48 11.84 -20.85
N LEU C 92 2.33 11.95 -19.52
CA LEU C 92 2.99 13.07 -18.78
C LEU C 92 4.03 12.44 -17.88
N CYS C 93 5.30 12.78 -18.11
CA CYS C 93 6.38 12.12 -17.35
C CYS C 93 7.04 13.07 -16.34
N MET C 94 7.87 12.53 -15.46
CA MET C 94 8.36 13.34 -14.33
C MET C 94 9.67 14.09 -14.62
N ASP C 95 10.61 13.41 -15.28
CA ASP C 95 11.90 14.05 -15.60
C ASP C 95 12.36 13.82 -17.05
N GLU C 96 13.47 14.46 -17.40
CA GLU C 96 14.01 14.45 -18.76
C GLU C 96 14.55 13.08 -19.19
N SER C 97 14.94 12.23 -18.24
CA SER C 97 15.26 10.86 -18.63
C SER C 97 14.01 10.10 -19.08
N ASN C 98 12.89 10.23 -18.35
CA ASN C 98 11.64 9.64 -18.78
C ASN C 98 11.26 10.17 -20.16
N LEU C 99 11.48 11.47 -20.37
CA LEU C 99 11.06 12.10 -21.64
C LEU C 99 11.80 11.46 -22.81
N ARG C 100 13.11 11.27 -22.66
CA ARG C 100 13.97 10.62 -23.68
C ARG C 100 13.57 9.18 -23.94
N ASP C 101 13.48 8.38 -22.88
CA ASP C 101 13.03 6.99 -22.97
C ASP C 101 11.67 6.82 -23.62
N LEU C 102 10.74 7.74 -23.37
CA LEU C 102 9.41 7.70 -23.99
C LEU C 102 9.40 8.06 -25.48
N ASN C 103 10.07 9.16 -25.83
CA ASN C 103 10.23 9.55 -27.23
C ASN C 103 10.93 8.46 -28.04
N ARG C 104 11.98 7.87 -27.48
CA ARG C 104 12.64 6.74 -28.09
C ARG C 104 11.65 5.60 -28.34
N LYS C 105 11.00 5.12 -27.28
CA LYS C 105 9.94 4.10 -27.41
C LYS C 105 8.87 4.49 -28.44
N SER C 106 8.47 5.76 -28.47
CA SER C 106 7.41 6.23 -29.37
C SER C 106 7.69 5.98 -30.84
N ASN C 107 8.93 6.26 -31.27
CA ASN C 107 9.32 6.04 -32.66
C ASN C 107 9.46 4.55 -33.02
N GLN C 108 9.75 3.74 -32.00
CA GLN C 108 9.97 2.29 -32.16
C GLN C 108 8.64 1.51 -32.20
N VAL C 109 7.53 2.25 -32.27
CA VAL C 109 6.18 1.68 -32.40
C VAL C 109 5.44 2.35 -33.57
N LYS C 110 4.54 1.61 -34.19
CA LYS C 110 3.91 2.04 -35.43
C LYS C 110 2.94 3.22 -35.30
N ASN C 111 1.95 3.09 -34.41
CA ASN C 111 1.04 4.20 -34.11
C ASN C 111 1.49 5.00 -32.89
N CYS C 112 1.33 6.33 -32.94
CA CYS C 112 1.55 7.19 -31.77
C CYS C 112 0.66 8.42 -31.81
N LYS C 113 -0.48 8.30 -31.14
CA LYS C 113 -1.47 9.35 -30.99
C LYS C 113 -1.17 10.23 -29.75
N ALA C 114 -0.27 9.73 -28.90
CA ALA C 114 -0.01 10.31 -27.59
C ALA C 114 0.90 11.54 -27.63
N LYS C 115 0.37 12.67 -27.14
CA LYS C 115 1.17 13.86 -26.81
C LYS C 115 2.02 13.63 -25.53
N ILE C 116 3.34 13.61 -25.68
CA ILE C 116 4.27 13.23 -24.60
C ILE C 116 4.98 14.47 -24.05
N GLU C 117 4.74 14.78 -22.77
CA GLU C 117 5.17 16.04 -22.18
C GLU C 117 5.69 15.82 -20.77
N LEU C 118 6.49 16.77 -20.29
CA LEU C 118 6.86 16.79 -18.87
C LEU C 118 5.67 17.34 -18.11
N LEU C 119 5.27 16.63 -17.07
CA LEU C 119 4.17 17.15 -16.22
C LEU C 119 4.52 18.55 -15.71
N GLY C 120 5.80 18.73 -15.36
CA GLY C 120 6.30 20.02 -14.83
C GLY C 120 6.23 21.16 -15.83
N SER C 121 5.99 20.86 -17.10
CA SER C 121 5.79 21.97 -18.03
C SER C 121 4.48 22.72 -17.74
N TYR C 122 3.58 22.13 -16.95
CA TYR C 122 2.36 22.87 -16.56
C TYR C 122 2.53 23.62 -15.24
N ASP C 123 3.66 23.45 -14.57
CA ASP C 123 3.84 24.11 -13.26
C ASP C 123 3.81 25.64 -13.43
N PRO C 124 2.88 26.34 -12.76
CA PRO C 124 2.97 27.79 -12.80
C PRO C 124 4.21 28.40 -12.14
N GLN C 125 4.90 27.65 -11.27
CA GLN C 125 6.17 28.09 -10.70
C GLN C 125 7.41 27.66 -11.49
N LYS C 126 7.16 26.97 -12.59
CA LYS C 126 8.19 26.69 -13.58
C LYS C 126 9.28 25.69 -13.15
N GLN C 127 8.96 24.79 -12.23
CA GLN C 127 9.87 23.71 -11.87
C GLN C 127 9.61 22.55 -12.79
N LEU C 128 10.37 22.54 -13.87
CA LEU C 128 10.11 21.62 -14.98
C LEU C 128 10.28 20.16 -14.62
N ILE C 129 11.15 19.87 -13.65
CA ILE C 129 11.50 18.47 -13.38
C ILE C 129 10.95 18.06 -12.02
N ILE C 130 10.27 16.92 -12.00
CA ILE C 130 9.79 16.31 -10.75
C ILE C 130 10.78 15.20 -10.38
N GLU C 131 11.65 15.48 -9.41
CA GLU C 131 12.77 14.55 -9.11
C GLU C 131 12.32 13.37 -8.29
N ASP C 132 12.97 12.24 -8.56
CA ASP C 132 12.77 10.95 -7.85
C ASP C 132 13.06 11.08 -6.36
N PRO C 133 12.03 10.92 -5.49
CA PRO C 133 12.27 11.06 -4.03
C PRO C 133 12.71 9.79 -3.30
N TYR C 134 13.03 8.74 -4.04
CA TYR C 134 13.25 7.41 -3.46
C TYR C 134 14.33 7.38 -2.40
N TYR C 135 15.43 8.10 -2.66
CA TYR C 135 16.54 8.16 -1.71
C TYR C 135 16.42 9.32 -0.76
N GLY C 136 15.27 10.00 -0.78
CA GLY C 136 15.08 11.18 0.06
C GLY C 136 14.24 10.86 1.26
N ASN C 137 13.63 11.88 1.86
CA ASN C 137 12.80 11.74 3.06
C ASN C 137 11.32 12.00 2.84
N ASP C 138 10.54 11.89 3.91
CA ASP C 138 9.14 12.20 3.85
C ASP C 138 8.92 13.58 3.26
N SER C 139 9.81 14.51 3.58
CA SER C 139 9.63 15.86 3.09
C SER C 139 9.82 15.95 1.57
N ASP C 140 10.66 15.08 1.00
CA ASP C 140 10.86 15.03 -0.45
C ASP C 140 9.60 14.51 -1.09
N PHE C 141 8.96 13.54 -0.44
CA PHE C 141 7.66 13.08 -0.97
C PHE C 141 6.63 14.19 -0.96
N GLU C 142 6.65 15.00 0.08
CA GLU C 142 5.65 16.08 0.17
C GLU C 142 5.92 17.17 -0.91
N VAL C 143 7.19 17.48 -1.19
CA VAL C 143 7.58 18.39 -2.31
C VAL C 143 7.03 17.86 -3.66
N VAL C 144 7.21 16.57 -3.87
CA VAL C 144 6.65 15.88 -5.04
C VAL C 144 5.15 15.97 -5.14
N TYR C 145 4.47 15.74 -4.01
CA TYR C 145 3.03 15.83 -3.97
C TYR C 145 2.63 17.23 -4.43
N GLN C 146 3.26 18.25 -3.85
CA GLN C 146 2.85 19.64 -4.16
C GLN C 146 3.10 20.00 -5.62
N GLN C 147 4.23 19.57 -6.15
CA GLN C 147 4.50 19.74 -7.59
C GLN C 147 3.45 19.10 -8.40
N CYS C 148 3.12 17.83 -8.08
CA CYS C 148 2.07 17.15 -8.83
C CYS C 148 0.75 17.88 -8.77
N LEU C 149 0.35 18.28 -7.55
CA LEU C 149 -0.92 18.98 -7.40
C LEU C 149 -1.02 20.26 -8.24
N ARG C 150 -0.01 21.13 -8.16
CA ARG C 150 0.04 22.36 -8.97
C ARG C 150 -0.04 22.05 -10.47
N CYS C 151 0.76 21.08 -10.92
CA CYS C 151 0.80 20.77 -12.34
C CYS C 151 -0.52 20.14 -12.84
N CYS C 152 -1.06 19.21 -12.06
CA CYS C 152 -2.37 18.61 -12.39
C CYS C 152 -3.50 19.64 -12.45
N LYS C 153 -3.56 20.56 -11.49
CA LYS C 153 -4.55 21.63 -11.56
C LYS C 153 -4.39 22.44 -12.82
N ALA C 154 -3.16 22.80 -13.16
CA ALA C 154 -2.90 23.65 -14.35
C ALA C 154 -3.26 22.86 -15.64
N PHE C 155 -2.87 21.60 -15.70
CA PHE C 155 -3.21 20.72 -16.82
C PHE C 155 -4.73 20.63 -17.00
N LEU C 156 -5.46 20.55 -15.90
CA LEU C 156 -6.91 20.37 -15.98
C LEU C 156 -7.54 21.70 -16.44
N GLU C 157 -7.09 22.80 -15.86
CA GLU C 157 -7.44 24.16 -16.28
C GLU C 157 -7.17 24.41 -17.77
N LYS C 158 -5.97 24.04 -18.25
CA LYS C 158 -5.67 24.11 -19.68
C LYS C 158 -6.59 23.23 -20.54
N THR C 159 -6.87 22.00 -20.10
CA THR C 159 -7.70 21.09 -20.88
C THR C 159 -9.11 21.62 -21.08
N TYR C 160 -9.63 22.33 -20.09
CA TYR C 160 -10.87 23.06 -20.26
C TYR C 160 -10.52 24.50 -20.73
N SER D 8 25.23 -10.55 -17.31
CA SER D 8 24.56 -11.71 -18.01
C SER D 8 23.04 -11.87 -17.75
N LYS D 9 22.35 -12.45 -18.73
CA LYS D 9 20.91 -12.72 -18.62
C LYS D 9 20.64 -14.19 -18.97
N SER D 10 19.59 -14.77 -18.40
CA SER D 10 19.25 -16.15 -18.73
C SER D 10 17.77 -16.34 -19.07
N VAL D 11 17.51 -17.19 -20.05
CA VAL D 11 16.15 -17.45 -20.54
C VAL D 11 15.92 -18.94 -20.67
N LEU D 12 14.82 -19.40 -20.10
CA LEU D 12 14.37 -20.74 -20.29
C LEU D 12 13.04 -20.74 -21.09
N PHE D 13 13.01 -21.52 -22.17
CA PHE D 13 11.83 -21.64 -23.03
C PHE D 13 11.08 -22.88 -22.67
N VAL D 14 9.78 -22.77 -22.43
CA VAL D 14 9.02 -23.95 -21.96
C VAL D 14 7.76 -24.25 -22.78
N CYS D 15 7.51 -25.52 -23.06
CA CYS D 15 6.26 -25.96 -23.64
C CYS D 15 5.87 -27.26 -22.92
N LEU D 16 4.85 -27.94 -23.39
CA LEU D 16 4.32 -29.12 -22.71
C LEU D 16 5.32 -30.29 -22.78
N GLY D 17 5.76 -30.66 -23.99
CA GLY D 17 6.65 -31.85 -24.11
C GLY D 17 8.12 -31.56 -24.35
N ASN D 18 8.47 -30.32 -24.72
CA ASN D 18 9.83 -29.94 -25.08
C ASN D 18 10.39 -30.75 -26.25
N ILE D 19 9.52 -31.11 -27.19
CA ILE D 19 10.00 -31.67 -28.45
C ILE D 19 9.63 -30.88 -29.71
N CYS D 20 8.66 -29.96 -29.64
CA CYS D 20 8.31 -29.19 -30.85
C CYS D 20 8.58 -27.69 -30.65
N ARG D 21 7.75 -27.01 -29.85
CA ARG D 21 7.84 -25.56 -29.76
C ARG D 21 9.06 -25.02 -29.04
N SER D 22 9.33 -25.45 -27.80
CA SER D 22 10.37 -24.79 -27.05
C SER D 22 11.77 -25.05 -27.62
N PRO D 23 12.00 -26.24 -28.21
CA PRO D 23 13.35 -26.46 -28.80
C PRO D 23 13.53 -25.56 -30.03
N ILE D 24 12.43 -25.28 -30.75
CA ILE D 24 12.49 -24.28 -31.85
C ILE D 24 12.81 -22.88 -31.36
N ALA D 25 12.06 -22.37 -30.37
CA ALA D 25 12.32 -21.04 -29.81
C ALA D 25 13.75 -20.94 -29.33
N GLU D 26 14.21 -22.00 -28.68
CA GLU D 26 15.54 -22.01 -28.10
C GLU D 26 16.60 -21.86 -29.19
N ALA D 27 16.44 -22.62 -30.27
CA ALA D 27 17.41 -22.64 -31.37
C ALA D 27 17.40 -21.30 -32.10
N VAL D 28 16.19 -20.76 -32.36
CA VAL D 28 16.05 -19.40 -32.95
C VAL D 28 16.73 -18.30 -32.12
N PHE D 29 16.45 -18.26 -30.81
CA PHE D 29 17.06 -17.27 -29.93
C PHE D 29 18.59 -17.42 -29.93
N ARG D 30 19.07 -18.66 -29.83
CA ARG D 30 20.53 -18.93 -29.82
C ARG D 30 21.17 -18.39 -31.11
N LYS D 31 20.52 -18.62 -32.26
CA LYS D 31 20.99 -18.09 -33.56
C LYS D 31 21.05 -16.57 -33.54
N LEU D 32 19.99 -15.92 -33.04
CA LEU D 32 19.96 -14.44 -32.97
C LEU D 32 21.10 -13.88 -32.11
N VAL D 33 21.26 -14.40 -30.91
CA VAL D 33 22.35 -13.86 -30.07
C VAL D 33 23.75 -14.17 -30.64
N THR D 34 23.89 -15.29 -31.34
CA THR D 34 25.16 -15.65 -31.97
C THR D 34 25.47 -14.77 -33.18
N ASP D 35 24.47 -14.53 -34.02
CA ASP D 35 24.56 -13.56 -35.12
C ASP D 35 24.99 -12.17 -34.69
N GLU D 36 24.47 -11.73 -33.54
CA GLU D 36 24.77 -10.41 -33.01
C GLU D 36 25.94 -10.42 -32.02
N LYS D 37 26.62 -11.57 -31.91
CA LYS D 37 27.85 -11.75 -31.11
C LYS D 37 27.77 -11.50 -29.62
N VAL D 38 26.55 -11.54 -29.08
CA VAL D 38 26.33 -11.21 -27.68
C VAL D 38 26.07 -12.47 -26.88
N SER D 39 26.46 -13.62 -27.43
CA SER D 39 26.06 -14.90 -26.87
C SER D 39 26.74 -15.32 -25.55
N ASP D 40 27.91 -14.76 -25.24
CA ASP D 40 28.56 -14.98 -23.93
C ASP D 40 27.79 -14.32 -22.78
N ASN D 41 26.91 -13.39 -23.11
CA ASN D 41 26.13 -12.69 -22.11
C ASN D 41 24.80 -13.39 -21.79
N TRP D 42 24.54 -14.55 -22.44
CA TRP D 42 23.25 -15.25 -22.34
C TRP D 42 23.40 -16.69 -21.93
N ALA D 43 22.59 -17.14 -20.98
CA ALA D 43 22.49 -18.55 -20.76
C ALA D 43 21.12 -18.98 -21.29
N ILE D 44 21.10 -19.91 -22.25
CA ILE D 44 19.86 -20.26 -22.96
C ILE D 44 19.55 -21.74 -22.81
N ASP D 45 18.29 -22.07 -22.53
CA ASP D 45 17.89 -23.49 -22.39
C ASP D 45 16.41 -23.63 -22.71
N SER D 46 15.96 -24.87 -22.83
CA SER D 46 14.54 -25.15 -22.93
C SER D 46 14.21 -26.39 -22.09
N SER D 47 12.98 -26.49 -21.63
CA SER D 47 12.57 -27.66 -20.86
C SER D 47 11.05 -27.91 -21.01
N ALA D 48 10.56 -29.00 -20.44
CA ALA D 48 9.19 -29.43 -20.57
C ALA D 48 8.43 -29.32 -19.24
N VAL D 49 7.12 -29.11 -19.34
CA VAL D 49 6.26 -29.13 -18.17
C VAL D 49 6.13 -30.58 -17.75
N SER D 50 5.87 -31.45 -18.71
CA SER D 50 5.69 -32.87 -18.41
C SER D 50 7.01 -33.65 -18.44
N ASP D 51 7.02 -34.86 -17.89
CA ASP D 51 8.19 -35.73 -17.99
C ASP D 51 8.12 -36.74 -19.15
N TRP D 52 7.13 -36.60 -20.01
CA TRP D 52 6.83 -37.63 -21.03
C TRP D 52 7.93 -37.93 -22.05
N ASN D 53 8.77 -36.95 -22.36
CA ASN D 53 9.72 -37.09 -23.48
C ASN D 53 11.16 -36.99 -23.09
N VAL D 54 11.45 -37.01 -21.78
CA VAL D 54 12.78 -36.79 -21.28
C VAL D 54 13.80 -37.64 -22.07
N GLY D 55 14.89 -36.98 -22.45
CA GLY D 55 15.95 -37.63 -23.24
C GLY D 55 15.71 -37.71 -24.74
N ARG D 56 14.53 -37.31 -25.23
CA ARG D 56 14.31 -37.33 -26.66
C ARG D 56 14.90 -36.07 -27.33
N PRO D 57 15.46 -36.23 -28.55
CA PRO D 57 15.74 -35.05 -29.41
C PRO D 57 14.39 -34.47 -29.96
N PRO D 58 14.43 -33.26 -30.55
CA PRO D 58 13.17 -32.72 -31.11
C PRO D 58 12.47 -33.60 -32.13
N ASP D 59 11.15 -33.43 -32.21
CA ASP D 59 10.38 -34.04 -33.27
C ASP D 59 11.12 -33.82 -34.60
N PRO D 60 11.18 -34.85 -35.46
CA PRO D 60 11.80 -34.73 -36.78
C PRO D 60 11.26 -33.57 -37.60
N ARG D 61 9.97 -33.26 -37.47
CA ARG D 61 9.43 -32.13 -38.19
C ARG D 61 9.95 -30.81 -37.66
N ALA D 62 10.26 -30.73 -36.36
CA ALA D 62 10.92 -29.54 -35.80
C ALA D 62 12.36 -29.42 -36.32
N VAL D 63 13.08 -30.55 -36.34
CA VAL D 63 14.43 -30.55 -36.90
C VAL D 63 14.44 -30.14 -38.34
N SER D 64 13.50 -30.67 -39.13
CA SER D 64 13.42 -30.31 -40.55
C SER D 64 13.10 -28.84 -40.76
N CYS D 65 12.17 -28.34 -39.93
CA CYS D 65 11.82 -26.95 -40.01
C CYS D 65 13.02 -26.03 -39.74
N LEU D 66 13.78 -26.27 -38.65
CA LEU D 66 14.96 -25.47 -38.38
C LEU D 66 15.96 -25.60 -39.54
N ARG D 67 16.09 -26.82 -40.07
CA ARG D 67 17.08 -27.07 -41.12
C ARG D 67 16.74 -26.25 -42.39
N ASN D 68 15.44 -26.09 -42.70
CA ASN D 68 15.01 -25.19 -43.80
C ASN D 68 15.52 -23.76 -43.67
N HIS D 69 15.85 -23.34 -42.44
CA HIS D 69 16.30 -21.97 -42.14
C HIS D 69 17.78 -21.97 -41.77
N GLY D 70 18.44 -23.09 -42.05
CA GLY D 70 19.91 -23.25 -41.81
C GLY D 70 20.32 -23.36 -40.36
N ILE D 71 19.41 -23.82 -39.51
CA ILE D 71 19.54 -23.81 -38.03
C ILE D 71 19.40 -25.26 -37.54
N SER D 72 20.07 -25.57 -36.43
CA SER D 72 20.01 -26.89 -35.82
C SER D 72 20.16 -26.75 -34.31
N THR D 73 19.74 -27.79 -33.61
CA THR D 73 19.95 -27.85 -32.17
C THR D 73 20.47 -29.19 -31.66
N ALA D 74 21.25 -29.14 -30.58
CA ALA D 74 21.75 -30.32 -29.88
C ALA D 74 20.87 -30.67 -28.69
N HIS D 75 19.75 -29.99 -28.53
CA HIS D 75 18.90 -30.22 -27.35
C HIS D 75 18.34 -31.64 -27.22
N LYS D 76 18.29 -32.16 -25.99
CA LYS D 76 17.49 -33.33 -25.63
C LYS D 76 16.48 -32.91 -24.58
N ALA D 77 15.25 -33.40 -24.68
CA ALA D 77 14.19 -32.94 -23.76
C ALA D 77 14.57 -33.17 -22.31
N ARG D 78 14.24 -32.21 -21.47
CA ARG D 78 14.31 -32.35 -20.01
C ARG D 78 13.07 -31.74 -19.38
N GLN D 79 12.67 -32.25 -18.22
CA GLN D 79 11.59 -31.62 -17.46
C GLN D 79 12.13 -30.46 -16.65
N ILE D 80 11.33 -29.42 -16.49
CA ILE D 80 11.71 -28.24 -15.70
C ILE D 80 11.81 -28.64 -14.20
N THR D 81 12.63 -27.94 -13.44
CA THR D 81 12.85 -28.32 -12.04
C THR D 81 12.62 -27.11 -11.13
N LYS D 82 12.60 -27.33 -9.81
CA LYS D 82 12.45 -26.22 -8.88
C LYS D 82 13.62 -25.26 -9.01
N GLU D 83 14.80 -25.82 -9.23
CA GLU D 83 16.04 -25.07 -9.46
C GLU D 83 15.94 -24.08 -10.65
N ASP D 84 15.16 -24.45 -11.67
CA ASP D 84 15.03 -23.59 -12.84
C ASP D 84 14.43 -22.25 -12.46
N PHE D 85 13.41 -22.32 -11.58
CA PHE D 85 12.70 -21.14 -11.11
C PHE D 85 13.60 -20.23 -10.27
N ALA D 86 14.61 -20.83 -9.63
CA ALA D 86 15.61 -20.06 -8.85
C ALA D 86 16.75 -19.50 -9.72
N THR D 87 17.10 -20.25 -10.76
CA THR D 87 18.21 -19.98 -11.67
C THR D 87 17.93 -18.96 -12.80
N PHE D 88 16.82 -19.12 -13.55
CA PHE D 88 16.58 -18.31 -14.76
C PHE D 88 15.91 -16.96 -14.52
N ASP D 89 16.36 -15.94 -15.22
CA ASP D 89 15.75 -14.63 -15.09
C ASP D 89 14.35 -14.63 -15.74
N TYR D 90 14.26 -15.30 -16.90
CA TYR D 90 13.03 -15.32 -17.72
C TYR D 90 12.64 -16.76 -18.04
N ILE D 91 11.36 -17.07 -17.80
CA ILE D 91 10.78 -18.35 -18.19
C ILE D 91 9.66 -18.01 -19.20
N LEU D 92 9.90 -18.32 -20.48
CA LEU D 92 8.98 -17.92 -21.56
C LEU D 92 8.24 -19.15 -22.08
N CYS D 93 6.92 -19.17 -21.89
CA CYS D 93 6.16 -20.35 -22.27
C CYS D 93 5.29 -20.09 -23.52
N MET D 94 4.78 -21.17 -24.08
CA MET D 94 4.13 -21.11 -25.40
C MET D 94 2.63 -20.81 -25.31
N ASP D 95 1.94 -21.48 -24.39
CA ASP D 95 0.47 -21.27 -24.25
C ASP D 95 0.00 -21.08 -22.78
N GLU D 96 -1.29 -20.81 -22.63
CA GLU D 96 -1.86 -20.47 -21.33
C GLU D 96 -1.93 -21.69 -20.38
N SER D 97 -1.99 -22.90 -20.90
CA SER D 97 -1.87 -24.04 -19.99
C SER D 97 -0.46 -24.17 -19.42
N ASN D 98 0.58 -23.94 -20.24
CA ASN D 98 1.94 -23.86 -19.72
C ASN D 98 2.03 -22.77 -18.67
N LEU D 99 1.39 -21.63 -18.93
CA LEU D 99 1.49 -20.49 -18.01
C LEU D 99 0.94 -20.81 -16.60
N ARG D 100 -0.24 -21.44 -16.57
CA ARG D 100 -0.90 -21.90 -15.33
C ARG D 100 -0.08 -22.96 -14.61
N ASP D 101 0.37 -23.98 -15.36
CA ASP D 101 1.29 -25.00 -14.81
C ASP D 101 2.58 -24.44 -14.22
N LEU D 102 3.13 -23.39 -14.83
CA LEU D 102 4.37 -22.77 -14.32
C LEU D 102 4.15 -21.89 -13.08
N ASN D 103 3.10 -21.07 -13.14
CA ASN D 103 2.72 -20.23 -12.01
C ASN D 103 2.38 -21.03 -10.75
N ARG D 104 1.66 -22.14 -10.91
CA ARG D 104 1.38 -23.03 -9.80
C ARG D 104 2.69 -23.55 -9.20
N LYS D 105 3.56 -24.10 -10.06
CA LYS D 105 4.86 -24.62 -9.63
C LYS D 105 5.76 -23.57 -8.97
N SER D 106 5.65 -22.31 -9.44
CA SER D 106 6.40 -21.19 -8.88
C SER D 106 6.04 -20.95 -7.41
N ASN D 107 4.76 -21.12 -7.08
CA ASN D 107 4.31 -20.95 -5.70
C ASN D 107 4.86 -22.05 -4.77
N GLN D 108 5.05 -23.23 -5.36
CA GLN D 108 5.48 -24.44 -4.65
C GLN D 108 7.00 -24.58 -4.61
N VAL D 109 7.72 -23.46 -4.77
CA VAL D 109 9.17 -23.44 -4.66
C VAL D 109 9.63 -22.33 -3.75
N LYS D 110 10.73 -22.59 -3.04
CA LYS D 110 11.19 -21.70 -2.00
C LYS D 110 11.65 -20.33 -2.54
N ASN D 111 12.54 -20.35 -3.53
CA ASN D 111 12.93 -19.11 -4.23
C ASN D 111 12.37 -19.09 -5.65
N CYS D 112 11.99 -17.90 -6.11
CA CYS D 112 11.51 -17.72 -7.49
C CYS D 112 11.87 -16.31 -7.96
N LYS D 113 13.04 -16.23 -8.59
CA LYS D 113 13.57 -15.02 -9.20
C LYS D 113 13.06 -14.87 -10.65
N ALA D 114 12.52 -15.96 -11.19
CA ALA D 114 12.09 -16.04 -12.60
C ALA D 114 10.83 -15.23 -12.93
N LYS D 115 10.95 -14.36 -13.93
CA LYS D 115 9.84 -13.64 -14.53
C LYS D 115 9.17 -14.54 -15.61
N ILE D 116 7.91 -14.92 -15.37
CA ILE D 116 7.24 -15.99 -16.15
C ILE D 116 6.18 -15.39 -17.08
N GLU D 117 6.36 -15.56 -18.39
CA GLU D 117 5.59 -14.81 -19.36
C GLU D 117 5.29 -15.72 -20.55
N LEU D 118 4.26 -15.35 -21.30
CA LEU D 118 4.00 -15.97 -22.59
C LEU D 118 5.00 -15.39 -23.58
N LEU D 119 5.66 -16.25 -24.34
CA LEU D 119 6.60 -15.77 -25.36
C LEU D 119 5.85 -14.86 -26.34
N GLY D 120 4.62 -15.26 -26.65
CA GLY D 120 3.77 -14.50 -27.56
C GLY D 120 3.37 -13.12 -27.07
N SER D 121 3.59 -12.86 -25.79
CA SER D 121 3.30 -11.51 -25.34
C SER D 121 4.27 -10.48 -25.95
N TYR D 122 5.38 -10.95 -26.55
CA TYR D 122 6.33 -10.07 -27.25
C TYR D 122 6.03 -9.95 -28.76
N ASP D 123 5.06 -10.71 -29.24
CA ASP D 123 4.78 -10.70 -30.70
C ASP D 123 4.26 -9.33 -31.10
N PRO D 124 4.96 -8.62 -32.00
CA PRO D 124 4.35 -7.39 -32.52
C PRO D 124 3.05 -7.55 -33.29
N GLN D 125 2.73 -8.77 -33.75
CA GLN D 125 1.42 -9.05 -34.38
C GLN D 125 0.34 -9.52 -33.41
N LYS D 126 0.71 -9.60 -32.14
CA LYS D 126 -0.22 -9.81 -31.06
C LYS D 126 -0.82 -11.22 -30.93
N GLN D 127 -0.15 -12.22 -31.52
CA GLN D 127 -0.63 -13.58 -31.44
C GLN D 127 -0.05 -14.18 -30.17
N LEU D 128 -0.84 -14.05 -29.12
CA LEU D 128 -0.37 -14.35 -27.77
C LEU D 128 0.01 -15.80 -27.56
N ILE D 129 -0.66 -16.70 -28.27
CA ILE D 129 -0.55 -18.13 -27.99
C ILE D 129 0.22 -18.79 -29.14
N ILE D 130 1.20 -19.59 -28.79
CA ILE D 130 1.94 -20.38 -29.79
C ILE D 130 1.42 -21.80 -29.61
N GLU D 131 0.60 -22.25 -30.53
CA GLU D 131 -0.11 -23.53 -30.38
C GLU D 131 0.76 -24.71 -30.76
N ASP D 132 0.55 -25.79 -30.03
CA ASP D 132 1.16 -27.12 -30.24
C ASP D 132 0.95 -27.66 -31.66
N PRO D 133 2.04 -27.77 -32.47
CA PRO D 133 1.91 -28.24 -33.87
C PRO D 133 1.93 -29.78 -34.03
N TYR D 134 1.98 -30.51 -32.93
CA TYR D 134 2.26 -31.95 -32.93
C TYR D 134 1.33 -32.74 -33.84
N TYR D 135 0.04 -32.40 -33.80
CA TYR D 135 -0.96 -33.08 -34.61
C TYR D 135 -1.22 -32.41 -35.95
N GLY D 136 -0.36 -31.45 -36.32
CA GLY D 136 -0.53 -30.68 -37.55
C GLY D 136 0.44 -31.11 -38.62
N ASN D 137 0.70 -30.23 -39.59
CA ASN D 137 1.53 -30.47 -40.76
C ASN D 137 2.88 -29.74 -40.68
N ASP D 138 3.74 -29.95 -41.67
CA ASP D 138 4.95 -29.15 -41.83
C ASP D 138 4.67 -27.66 -41.78
N SER D 139 3.57 -27.22 -42.39
CA SER D 139 3.27 -25.80 -42.39
C SER D 139 2.94 -25.22 -41.01
N ASP D 140 2.37 -26.05 -40.13
CA ASP D 140 2.09 -25.65 -38.75
C ASP D 140 3.40 -25.44 -38.02
N PHE D 141 4.38 -26.31 -38.30
CA PHE D 141 5.73 -26.08 -37.72
C PHE D 141 6.31 -24.80 -38.23
N GLU D 142 6.08 -24.48 -39.51
CA GLU D 142 6.65 -23.21 -40.04
C GLU D 142 5.95 -21.96 -39.43
N VAL D 143 4.65 -22.04 -39.21
CA VAL D 143 3.91 -20.96 -38.48
C VAL D 143 4.53 -20.77 -37.08
N VAL D 144 4.78 -21.87 -36.40
CA VAL D 144 5.47 -21.82 -35.08
C VAL D 144 6.85 -21.19 -35.12
N TYR D 145 7.63 -21.56 -36.13
CA TYR D 145 8.96 -21.01 -36.28
C TYR D 145 8.84 -19.49 -36.41
N GLN D 146 7.91 -19.05 -37.27
CA GLN D 146 7.81 -17.62 -37.56
C GLN D 146 7.37 -16.83 -36.32
N GLN D 147 6.44 -17.41 -35.57
CA GLN D 147 6.01 -16.81 -34.30
C GLN D 147 7.18 -16.73 -33.36
N CYS D 148 7.91 -17.84 -33.21
CA CYS D 148 9.11 -17.79 -32.35
C CYS D 148 10.11 -16.73 -32.76
N LEU D 149 10.39 -16.67 -34.07
CA LEU D 149 11.36 -15.71 -34.56
C LEU D 149 10.96 -14.25 -34.27
N ARG D 150 9.71 -13.90 -34.59
CA ARG D 150 9.20 -12.55 -34.31
C ARG D 150 9.28 -12.23 -32.79
N CYS D 151 8.84 -13.17 -31.96
CA CYS D 151 8.85 -12.92 -30.49
C CYS D 151 10.25 -12.83 -29.89
N CYS D 152 11.15 -13.73 -30.31
CA CYS D 152 12.53 -13.69 -29.84
C CYS D 152 13.22 -12.38 -30.27
N LYS D 153 12.99 -11.90 -31.49
CA LYS D 153 13.60 -10.62 -31.87
C LYS D 153 13.12 -9.52 -30.97
N ALA D 154 11.82 -9.47 -30.73
CA ALA D 154 11.25 -8.37 -29.93
C ALA D 154 11.72 -8.45 -28.46
N PHE D 155 11.80 -9.67 -27.93
CA PHE D 155 12.33 -9.91 -26.61
C PHE D 155 13.78 -9.43 -26.53
N LEU D 156 14.57 -9.73 -27.55
CA LEU D 156 15.99 -9.32 -27.54
C LEU D 156 16.10 -7.79 -27.63
N GLU D 157 15.31 -7.20 -28.51
CA GLU D 157 15.20 -5.76 -28.63
C GLU D 157 14.78 -5.10 -27.32
N LYS D 158 13.73 -5.62 -26.68
CA LYS D 158 13.31 -5.11 -25.39
C LYS D 158 14.44 -5.19 -24.36
N THR D 159 15.04 -6.37 -24.21
CA THR D 159 16.14 -6.57 -23.27
C THR D 159 17.18 -5.47 -23.37
N TYR D 160 17.67 -5.23 -24.58
CA TYR D 160 18.59 -4.13 -24.84
C TYR D 160 17.78 -2.88 -25.15
P PO4 E . -11.80 -6.15 12.86
O1 PO4 E . -12.67 -6.10 14.14
O2 PO4 E . -11.02 -4.84 12.69
O3 PO4 E . -10.75 -7.31 12.89
O4 PO4 E . -12.76 -6.47 11.72
P PO4 F . 10.43 19.80 28.42
O1 PO4 F . 11.51 18.86 28.99
O2 PO4 F . 10.91 21.24 28.69
O3 PO4 F . 10.27 19.56 26.90
O4 PO4 F . 9.12 19.67 29.16
P PO4 G . 9.92 6.38 -9.07
O1 PO4 G . 8.96 5.21 -9.05
O2 PO4 G . 10.87 6.07 -7.90
O3 PO4 G . 10.68 6.40 -10.39
O4 PO4 G . 9.33 7.76 -8.79
P PO4 H . 5.30 -29.65 -27.63
O1 PO4 H . 4.57 -30.62 -28.57
O2 PO4 H . 6.57 -30.40 -27.32
O3 PO4 H . 5.49 -28.33 -28.39
O4 PO4 H . 4.53 -29.41 -26.34
#